data_8B9V
#
_entry.id   8B9V
#
_cell.length_a   132.460
_cell.length_b   59.050
_cell.length_c   69.080
_cell.angle_alpha   90.000
_cell.angle_beta   106.660
_cell.angle_gamma   90.000
#
_symmetry.space_group_name_H-M   'C 1 2 1'
#
loop_
_entity.id
_entity.type
_entity.pdbx_description
1 polymer 'Lu AF82422 Fab light chain'
2 polymer 'Lu AF82422 Fab heavy chain'
3 polymer 'Alpha-synuclein 110-120'
4 non-polymer 'ZINC ION'
5 water water
#
loop_
_entity_poly.entity_id
_entity_poly.type
_entity_poly.pdbx_seq_one_letter_code
_entity_poly.pdbx_strand_id
1 'polypeptide(L)'
;EIVLTQSPGTLSLSPGERATLSCRASQSVSSSYLAWYQQKPGQAPRLLIYGASSRATGIPDRFSGSGSGTDFTLTISRLE
PEDFAVYYCQQYGSSPWTFGQGTKVEIKRTVAAPSVFIFPPSDEQLKSGTASVVCLLNNFYPREAKVQWKVDNALQSGNS
QESVTEQDSKDSTYSLSSTLTLSKADYEKHKVYACEVTHQGLSSPVTKSFNRGEC
;
L
2 'polypeptide(L)'
;EVQLLESGGGLVQTGGSLRLSCAASGFTFSSYAMTWVRQAPGKGLEWVSAIRSQGDRTDYADSVKGRFTISRDNSQNTLY
LQMNSLRAEDTAVYYCAKNWAPFDSWGQGTLVTVSSASTKGPSVFPLAPSSKSTSGGTAALGCLVKDYFPEPVTVSWNSG
ALTSGVHTFPAVLQSSGLYSLSSVVTVPSSSLGTQTYICNVNHKPSNTKVDKRVEPK
;
H
3 'polypeptide(L)' AEGILEDMPVD A
#
# COMPACT_ATOMS: atom_id res chain seq x y z
N GLU A 1 2.16 19.28 20.88
CA GLU A 1 2.43 17.89 20.47
C GLU A 1 3.84 17.77 19.91
N ILE A 2 4.45 16.59 20.03
CA ILE A 2 5.79 16.43 19.50
C ILE A 2 5.68 16.07 18.02
N VAL A 3 6.18 16.93 17.16
CA VAL A 3 6.16 16.69 15.72
C VAL A 3 7.48 16.07 15.32
N LEU A 4 7.41 14.95 14.61
CA LEU A 4 8.60 14.26 14.13
C LEU A 4 8.79 14.53 12.64
N THR A 5 9.96 15.02 12.27
CA THR A 5 10.25 15.37 10.89
C THR A 5 11.36 14.46 10.40
N GLN A 6 11.02 13.54 9.49
CA GLN A 6 11.99 12.63 8.92
C GLN A 6 12.57 13.20 7.63
N SER A 7 13.84 12.92 7.39
CA SER A 7 14.47 13.32 6.15
C SER A 7 15.62 12.38 5.87
N PRO A 8 15.94 12.12 4.58
CA PRO A 8 15.23 12.62 3.40
C PRO A 8 13.87 11.97 3.17
N GLY A 9 13.03 12.61 2.35
CA GLY A 9 11.78 11.98 1.97
C GLY A 9 12.02 10.64 1.28
N THR A 10 12.92 10.62 0.29
CA THR A 10 13.32 9.42 -0.41
C THR A 10 14.84 9.33 -0.45
N LEU A 11 15.34 8.10 -0.33
CA LEU A 11 16.77 7.82 -0.34
C LEU A 11 16.98 6.73 -1.38
N SER A 12 17.93 6.93 -2.29
CA SER A 12 18.17 5.98 -3.37
C SER A 12 19.64 5.58 -3.34
N LEU A 13 19.89 4.30 -3.10
CA LEU A 13 21.25 3.82 -2.87
C LEU A 13 21.44 2.43 -3.47
N SER A 14 22.64 2.18 -3.99
CA SER A 14 22.99 0.84 -4.45
C SER A 14 23.21 -0.06 -3.24
N PRO A 15 22.95 -1.36 -3.36
CA PRO A 15 23.10 -2.24 -2.20
C PRO A 15 24.55 -2.28 -1.76
N GLY A 16 24.74 -2.44 -0.46
CA GLY A 16 26.05 -2.36 0.15
C GLY A 16 26.45 -0.98 0.63
N GLU A 17 25.75 0.06 0.21
CA GLU A 17 26.09 1.39 0.66
C GLU A 17 25.50 1.65 2.06
N ARG A 18 25.93 2.75 2.64
CA ARG A 18 25.50 3.15 3.97
C ARG A 18 24.28 4.05 3.85
N ALA A 19 23.21 3.69 4.55
CA ALA A 19 22.01 4.51 4.61
C ALA A 19 21.95 5.23 5.94
N THR A 20 21.63 6.52 5.90
CA THR A 20 21.52 7.35 7.09
C THR A 20 20.19 8.06 7.07
N LEU A 21 19.34 7.78 8.05
CA LEU A 21 18.00 8.35 8.12
C LEU A 21 17.87 9.22 9.37
N SER A 22 17.37 10.44 9.19
CA SER A 22 17.25 11.42 10.26
C SER A 22 15.82 11.54 10.75
N CYS A 23 15.67 11.66 12.07
CA CYS A 23 14.40 11.97 12.70
C CYS A 23 14.64 13.13 13.68
N ARG A 24 13.97 14.26 13.43
CA ARG A 24 14.03 15.45 14.27
C ARG A 24 12.69 15.68 14.96
N ALA A 25 12.73 16.02 16.24
CA ALA A 25 11.53 16.26 17.05
C ALA A 25 11.38 17.73 17.40
N SER A 26 10.13 18.19 17.46
CA SER A 26 9.84 19.59 17.80
C SER A 26 9.94 19.87 19.29
N GLN A 27 10.04 18.82 20.11
CA GLN A 27 10.31 18.94 21.54
C GLN A 27 11.33 17.87 21.89
N SER A 28 11.92 17.97 23.07
CA SER A 28 12.85 16.94 23.50
C SER A 28 12.10 15.64 23.82
N VAL A 29 12.70 14.50 23.49
CA VAL A 29 12.05 13.20 23.67
C VAL A 29 12.60 12.59 24.96
N SER A 30 11.77 12.59 26.01
CA SER A 30 12.14 12.13 27.34
C SER A 30 12.67 10.70 27.30
N SER A 31 13.71 10.44 28.09
CA SER A 31 14.30 9.12 28.29
C SER A 31 14.81 8.51 26.99
N SER A 32 14.98 9.32 25.95
CA SER A 32 15.35 8.83 24.62
C SER A 32 14.38 7.74 24.15
N TYR A 33 13.09 7.95 24.44
CA TYR A 33 12.04 6.98 24.12
C TYR A 33 11.63 7.12 22.65
N LEU A 34 12.49 6.63 21.77
CA LEU A 34 12.33 6.81 20.33
C LEU A 34 12.46 5.45 19.65
N ALA A 35 11.45 5.07 18.86
CA ALA A 35 11.50 3.80 18.15
C ALA A 35 11.63 4.02 16.65
N TRP A 36 12.13 2.98 15.98
CA TRP A 36 12.22 2.97 14.53
C TRP A 36 11.53 1.72 14.01
N TYR A 37 10.69 1.89 12.98
CA TYR A 37 10.00 0.80 12.32
C TYR A 37 10.36 0.71 10.84
N GLN A 38 10.25 -0.50 10.31
CA GLN A 38 10.33 -0.78 8.89
C GLN A 38 8.94 -1.23 8.43
N GLN A 39 8.53 -0.77 7.26
CA GLN A 39 7.25 -1.19 6.71
C GLN A 39 7.37 -1.41 5.21
N LYS A 40 7.10 -2.63 4.77
CA LYS A 40 7.09 -3.05 3.39
C LYS A 40 5.66 -3.06 2.87
N PRO A 41 5.47 -2.96 1.56
CA PRO A 41 4.14 -2.74 1.00
C PRO A 41 3.16 -3.85 1.38
N GLY A 42 2.02 -3.44 1.93
CA GLY A 42 0.99 -4.40 2.29
C GLY A 42 1.28 -5.19 3.54
N GLN A 43 2.27 -4.78 4.32
CA GLN A 43 2.58 -5.47 5.56
C GLN A 43 2.42 -4.49 6.71
N ALA A 44 2.21 -5.06 7.91
CA ALA A 44 2.24 -4.27 9.12
C ALA A 44 3.67 -3.82 9.40
N PRO A 45 3.84 -2.77 10.21
CA PRO A 45 5.20 -2.28 10.51
C PRO A 45 5.98 -3.27 11.37
N ARG A 46 7.31 -3.10 11.39
CA ARG A 46 8.20 -4.01 12.11
C ARG A 46 9.17 -3.21 12.97
N LEU A 47 9.19 -3.52 14.26
CA LEU A 47 10.06 -2.81 15.19
C LEU A 47 11.54 -3.15 14.93
N LEU A 48 12.37 -2.11 14.81
CA LEU A 48 13.80 -2.27 14.60
C LEU A 48 14.62 -1.81 15.80
N ILE A 49 14.31 -0.63 16.31
CA ILE A 49 15.05 0.00 17.40
C ILE A 49 14.06 0.52 18.41
N TYR A 50 14.39 0.40 19.69
CA TYR A 50 13.66 1.04 20.77
C TYR A 50 14.66 1.72 21.69
N GLY A 51 14.13 2.60 22.53
CA GLY A 51 15.00 3.39 23.38
C GLY A 51 16.09 4.09 22.61
N ALA A 52 15.79 4.57 21.40
CA ALA A 52 16.71 5.30 20.53
C ALA A 52 17.83 4.44 19.98
N SER A 53 18.38 3.51 20.77
CA SER A 53 19.58 2.80 20.34
C SER A 53 19.59 1.29 20.55
N SER A 54 18.53 0.69 21.09
CA SER A 54 18.53 -0.74 21.36
C SER A 54 17.86 -1.51 20.23
N ARG A 55 18.53 -2.53 19.73
CA ARG A 55 17.96 -3.35 18.67
C ARG A 55 16.93 -4.32 19.22
N ALA A 56 15.78 -4.42 18.53
CA ALA A 56 14.79 -5.42 18.89
C ALA A 56 15.33 -6.83 18.59
N THR A 57 14.55 -7.84 18.97
CA THR A 57 14.96 -9.22 18.79
C THR A 57 14.95 -9.64 17.32
N GLY A 58 16.02 -10.32 16.90
CA GLY A 58 16.13 -10.81 15.55
C GLY A 58 16.34 -9.74 14.51
N ILE A 59 16.86 -8.58 14.90
CA ILE A 59 17.15 -7.48 14.00
C ILE A 59 18.65 -7.55 13.65
N PRO A 60 19.01 -7.68 12.38
CA PRO A 60 20.44 -7.77 12.05
C PRO A 60 21.19 -6.56 12.55
N ASP A 61 22.46 -6.79 12.89
CA ASP A 61 23.26 -5.77 13.57
C ASP A 61 23.73 -4.67 12.64
N ARG A 62 23.34 -4.69 11.38
CA ARG A 62 23.62 -3.55 10.52
C ARG A 62 22.64 -2.41 10.71
N PHE A 63 21.49 -2.66 11.35
CA PHE A 63 20.62 -1.58 11.80
C PHE A 63 21.14 -1.07 13.13
N SER A 64 21.46 0.22 13.20
CA SER A 64 21.85 0.81 14.47
C SER A 64 21.21 2.19 14.59
N GLY A 65 20.96 2.59 15.82
CA GLY A 65 20.27 3.84 16.08
C GLY A 65 20.99 4.66 17.15
N SER A 66 21.00 5.97 16.95
CA SER A 66 21.69 6.86 17.87
C SER A 66 20.91 8.16 18.02
N GLY A 67 21.31 8.94 19.02
CA GLY A 67 20.78 10.27 19.24
C GLY A 67 20.07 10.40 20.57
N SER A 68 19.79 11.65 20.92
CA SER A 68 19.01 12.00 22.11
C SER A 68 18.44 13.41 21.95
N GLY A 69 17.54 13.76 22.87
CA GLY A 69 16.96 15.09 22.85
C GLY A 69 15.99 15.29 21.70
N THR A 70 16.45 15.95 20.63
CA THR A 70 15.61 16.22 19.47
C THR A 70 16.13 15.65 18.16
N ASP A 71 17.29 14.98 18.16
CA ASP A 71 17.93 14.56 16.92
C ASP A 71 18.30 13.08 17.02
N PHE A 72 17.73 12.27 16.14
CA PHE A 72 17.86 10.81 16.19
C PHE A 72 18.20 10.29 14.80
N THR A 73 18.89 9.16 14.76
CA THR A 73 19.43 8.66 13.51
C THR A 73 19.31 7.15 13.46
N LEU A 74 18.87 6.66 12.31
CA LEU A 74 18.84 5.24 12.00
C LEU A 74 19.86 4.97 10.91
N THR A 75 20.87 4.17 11.22
CA THR A 75 21.95 3.83 10.29
C THR A 75 21.79 2.39 9.85
N ILE A 76 21.80 2.18 8.55
CA ILE A 76 21.91 0.84 7.97
C ILE A 76 23.28 0.78 7.29
N SER A 77 24.20 -0.01 7.87
CA SER A 77 25.61 0.13 7.53
C SER A 77 25.89 -0.37 6.11
N ARG A 78 25.35 -1.52 5.74
CA ARG A 78 25.43 -2.05 4.38
C ARG A 78 24.01 -2.40 3.93
N LEU A 79 23.48 -1.62 3.00
CA LEU A 79 22.12 -1.84 2.53
C LEU A 79 22.00 -3.20 1.87
N GLU A 80 21.19 -4.06 2.46
CA GLU A 80 20.87 -5.35 1.86
C GLU A 80 19.54 -5.27 1.12
N PRO A 81 19.28 -6.18 0.18
CA PRO A 81 18.05 -6.08 -0.63
C PRO A 81 16.77 -6.11 0.19
N GLU A 82 16.72 -6.88 1.27
CA GLU A 82 15.55 -6.91 2.13
C GLU A 82 15.37 -5.65 2.96
N ASP A 83 16.18 -4.62 2.74
CA ASP A 83 16.16 -3.42 3.56
C ASP A 83 15.37 -2.30 2.92
N PHE A 84 14.87 -2.48 1.71
CA PHE A 84 14.31 -1.37 0.94
C PHE A 84 12.82 -1.31 1.20
N ALA A 85 12.41 -0.33 1.99
CA ALA A 85 11.07 -0.21 2.56
C ALA A 85 10.86 1.22 3.02
N VAL A 86 9.77 1.47 3.74
CA VAL A 86 9.55 2.76 4.40
C VAL A 86 10.00 2.65 5.86
N TYR A 87 10.62 3.72 6.36
CA TYR A 87 11.14 3.74 7.73
C TYR A 87 10.49 4.88 8.51
N TYR A 88 9.79 4.53 9.59
CA TYR A 88 9.09 5.47 10.46
C TYR A 88 9.78 5.54 11.81
N CYS A 89 9.93 6.75 12.34
CA CYS A 89 10.32 6.92 13.73
C CYS A 89 9.08 7.25 14.56
N GLN A 90 9.18 6.97 15.86
CA GLN A 90 8.04 7.11 16.76
C GLN A 90 8.55 7.47 18.15
N GLN A 91 7.97 8.52 18.73
CA GLN A 91 8.33 8.93 20.07
C GLN A 91 7.27 8.48 21.05
N TYR A 92 7.72 7.99 22.21
CA TYR A 92 6.87 7.71 23.34
C TYR A 92 7.44 8.34 24.60
N GLY A 93 7.95 9.57 24.47
CA GLY A 93 8.42 10.33 25.61
C GLY A 93 7.36 11.21 26.24
N SER A 94 6.36 11.64 25.45
CA SER A 94 5.22 12.36 26.00
C SER A 94 3.99 12.12 25.14
N SER A 95 2.82 12.03 25.81
CA SER A 95 1.52 11.82 25.19
C SER A 95 1.07 13.09 24.46
N PRO A 96 0.47 12.95 23.28
CA PRO A 96 0.23 11.64 22.67
C PRO A 96 1.41 11.12 21.87
N TRP A 97 1.50 9.80 21.73
CA TRP A 97 2.50 9.17 20.86
C TRP A 97 2.36 9.68 19.43
N THR A 98 3.48 9.94 18.77
CA THR A 98 3.46 10.45 17.41
C THR A 98 4.53 9.75 16.58
N PHE A 99 4.26 9.65 15.28
CA PHE A 99 5.18 9.10 14.29
C PHE A 99 5.58 10.21 13.33
N GLY A 100 6.78 10.07 12.77
CA GLY A 100 7.18 10.86 11.63
C GLY A 100 6.52 10.39 10.33
N GLN A 101 6.73 11.19 9.29
CA GLN A 101 6.06 10.97 8.00
C GLN A 101 6.71 9.86 7.17
N GLY A 102 7.86 9.33 7.59
CA GLY A 102 8.46 8.20 6.92
C GLY A 102 9.50 8.57 5.88
N THR A 103 10.45 7.67 5.66
CA THR A 103 11.44 7.81 4.61
C THR A 103 11.39 6.57 3.73
N LYS A 104 11.23 6.79 2.43
CA LYS A 104 11.24 5.70 1.45
C LYS A 104 12.68 5.45 1.04
N VAL A 105 13.14 4.22 1.21
CA VAL A 105 14.46 3.80 0.74
C VAL A 105 14.26 2.84 -0.43
N GLU A 106 14.68 3.26 -1.61
CA GLU A 106 14.67 2.44 -2.82
C GLU A 106 16.10 2.05 -3.17
N ILE A 107 16.24 0.96 -3.93
CA ILE A 107 17.54 0.49 -4.38
C ILE A 107 17.88 1.09 -5.75
N LYS A 108 19.09 1.61 -5.88
CA LYS A 108 19.58 2.13 -7.15
C LYS A 108 20.22 1.00 -7.97
N ARG A 109 19.92 1.00 -9.25
CA ARG A 109 20.42 0.02 -10.20
C ARG A 109 20.64 0.73 -11.54
N THR A 110 21.22 0.02 -12.50
CA THR A 110 21.47 0.65 -13.79
C THR A 110 20.17 1.00 -14.50
N VAL A 111 20.27 1.95 -15.43
CA VAL A 111 19.12 2.33 -16.23
C VAL A 111 18.64 1.13 -17.03
N ALA A 112 17.32 0.96 -17.10
CA ALA A 112 16.70 -0.03 -17.96
C ALA A 112 15.49 0.60 -18.62
N ALA A 113 15.44 0.55 -19.96
CA ALA A 113 14.37 1.17 -20.73
C ALA A 113 13.14 0.28 -20.68
N PRO A 114 11.94 0.85 -20.59
CA PRO A 114 10.73 0.03 -20.58
C PRO A 114 10.50 -0.61 -21.94
N SER A 115 9.79 -1.73 -21.92
CA SER A 115 9.10 -2.19 -23.11
C SER A 115 7.63 -1.80 -22.95
N VAL A 116 6.98 -1.48 -24.06
CA VAL A 116 5.75 -0.69 -24.04
C VAL A 116 4.71 -1.44 -24.83
N PHE A 117 3.49 -1.52 -24.28
CA PHE A 117 2.39 -2.24 -24.91
C PHE A 117 1.11 -1.42 -24.75
N ILE A 118 0.25 -1.48 -25.76
CA ILE A 118 -1.00 -0.73 -25.72
C ILE A 118 -2.15 -1.71 -25.96
N PHE A 119 -3.23 -1.53 -25.21
CA PHE A 119 -4.40 -2.38 -25.30
C PHE A 119 -5.62 -1.56 -25.71
N PRO A 120 -6.32 -1.95 -26.77
CA PRO A 120 -7.59 -1.30 -27.10
C PRO A 120 -8.64 -1.65 -26.06
N PRO A 121 -9.74 -0.91 -26.03
CA PRO A 121 -10.88 -1.35 -25.21
C PRO A 121 -11.36 -2.72 -25.66
N SER A 122 -11.66 -3.58 -24.69
CA SER A 122 -12.27 -4.85 -25.01
C SER A 122 -13.67 -4.65 -25.60
N ASP A 123 -14.07 -5.56 -26.47
CA ASP A 123 -15.45 -5.53 -26.96
C ASP A 123 -16.44 -5.65 -25.82
N GLU A 124 -16.12 -6.44 -24.79
CA GLU A 124 -16.99 -6.57 -23.63
C GLU A 124 -17.28 -5.20 -23.02
N GLN A 125 -16.24 -4.39 -22.84
CA GLN A 125 -16.45 -3.06 -22.26
C GLN A 125 -17.19 -2.14 -23.21
N LEU A 126 -16.91 -2.26 -24.51
CA LEU A 126 -17.65 -1.44 -25.48
C LEU A 126 -19.12 -1.79 -25.49
N LYS A 127 -19.48 -3.06 -25.33
CA LYS A 127 -20.89 -3.40 -25.20
C LYS A 127 -21.51 -2.64 -24.03
N SER A 128 -20.83 -2.63 -22.87
CA SER A 128 -21.40 -1.97 -21.70
C SER A 128 -21.34 -0.45 -21.78
N GLY A 129 -20.75 0.13 -22.83
CA GLY A 129 -20.90 1.55 -23.08
C GLY A 129 -19.84 2.48 -22.54
N THR A 130 -18.64 1.97 -22.24
CA THR A 130 -17.50 2.81 -21.88
C THR A 130 -16.26 2.32 -22.63
N ALA A 131 -15.21 3.12 -22.59
CA ALA A 131 -13.99 2.80 -23.35
C ALA A 131 -12.78 3.17 -22.52
N SER A 132 -11.93 2.18 -22.23
CA SER A 132 -10.66 2.40 -21.54
C SER A 132 -9.52 1.90 -22.42
N VAL A 133 -8.54 2.76 -22.66
CA VAL A 133 -7.35 2.39 -23.42
C VAL A 133 -6.21 2.28 -22.42
N VAL A 134 -5.45 1.20 -22.50
CA VAL A 134 -4.46 0.86 -21.48
C VAL A 134 -3.08 0.75 -22.13
N CYS A 135 -2.11 1.40 -21.51
CA CYS A 135 -0.71 1.40 -21.91
C CYS A 135 0.13 0.89 -20.76
N LEU A 136 1.11 0.04 -21.08
CA LEU A 136 1.91 -0.68 -20.11
C LEU A 136 3.38 -0.40 -20.34
N LEU A 137 4.10 -0.02 -19.28
CA LEU A 137 5.55 0.14 -19.30
C LEU A 137 6.15 -0.95 -18.42
N ASN A 138 6.97 -1.82 -19.00
CA ASN A 138 7.37 -3.06 -18.36
C ASN A 138 8.83 -2.96 -17.92
N ASN A 139 9.08 -3.16 -16.62
CA ASN A 139 10.39 -3.40 -16.04
C ASN A 139 11.40 -2.36 -16.54
N PHE A 140 11.28 -1.16 -16.00
CA PHE A 140 12.18 -0.08 -16.33
C PHE A 140 12.79 0.49 -15.04
N TYR A 141 13.86 1.26 -15.19
CA TYR A 141 14.50 1.97 -14.08
C TYR A 141 15.26 3.13 -14.70
N PRO A 142 15.26 4.32 -14.08
CA PRO A 142 14.59 4.68 -12.82
C PRO A 142 13.09 4.86 -12.94
N ARG A 143 12.47 5.26 -11.81
CA ARG A 143 11.01 5.30 -11.70
C ARG A 143 10.39 6.34 -12.62
N GLU A 144 11.08 7.46 -12.80
CA GLU A 144 10.56 8.61 -13.53
C GLU A 144 10.28 8.27 -14.99
N ALA A 145 9.06 8.57 -15.44
CA ALA A 145 8.69 8.27 -16.82
C ALA A 145 7.52 9.15 -17.24
N LYS A 146 7.57 9.65 -18.47
CA LYS A 146 6.51 10.48 -19.01
C LYS A 146 5.71 9.63 -19.99
N VAL A 147 4.41 9.48 -19.72
CA VAL A 147 3.48 8.76 -20.58
C VAL A 147 2.46 9.77 -21.10
N GLN A 148 2.36 9.88 -22.42
CA GLN A 148 1.47 10.84 -23.06
C GLN A 148 0.53 10.11 -24.01
N TRP A 149 -0.75 10.44 -23.93
CA TRP A 149 -1.77 9.85 -24.81
C TRP A 149 -2.07 10.77 -25.98
N LYS A 150 -2.09 10.20 -27.20
CA LYS A 150 -2.57 10.91 -28.37
C LYS A 150 -3.78 10.17 -28.93
N VAL A 151 -4.75 10.94 -29.42
CA VAL A 151 -5.97 10.42 -30.05
C VAL A 151 -6.10 11.14 -31.39
N ASP A 152 -6.11 10.38 -32.49
CA ASP A 152 -5.98 10.93 -33.84
C ASP A 152 -4.95 12.06 -33.87
N ASN A 153 -3.82 11.80 -33.20
CA ASN A 153 -2.64 12.67 -33.10
C ASN A 153 -2.83 13.90 -32.20
N ALA A 154 -3.90 13.98 -31.41
CA ALA A 154 -4.11 15.10 -30.49
C ALA A 154 -3.68 14.71 -29.08
N LEU A 155 -2.83 15.54 -28.46
CA LEU A 155 -2.33 15.23 -27.13
C LEU A 155 -3.45 15.36 -26.10
N GLN A 156 -3.66 14.31 -25.31
CA GLN A 156 -4.69 14.32 -24.28
C GLN A 156 -4.16 14.92 -22.97
N SER A 157 -5.09 15.36 -22.15
CA SER A 157 -4.79 16.05 -20.91
C SER A 157 -5.91 15.79 -19.92
N GLY A 158 -5.56 15.33 -18.71
CA GLY A 158 -6.54 15.25 -17.66
C GLY A 158 -7.52 14.09 -17.72
N ASN A 159 -7.49 13.27 -18.77
CA ASN A 159 -8.40 12.13 -18.88
C ASN A 159 -7.69 10.78 -18.76
N SER A 160 -6.51 10.74 -18.18
CA SER A 160 -5.86 9.46 -17.96
C SER A 160 -5.41 9.38 -16.51
N GLN A 161 -5.17 8.16 -16.04
CA GLN A 161 -4.67 7.91 -14.69
C GLN A 161 -3.63 6.81 -14.76
N GLU A 162 -2.65 6.86 -13.86
CA GLU A 162 -1.57 5.89 -13.92
C GLU A 162 -1.19 5.43 -12.51
N SER A 163 -0.56 4.25 -12.47
CA SER A 163 -0.23 3.58 -11.22
C SER A 163 1.06 2.80 -11.45
N VAL A 164 1.85 2.61 -10.39
CA VAL A 164 3.18 2.03 -10.49
C VAL A 164 3.34 0.91 -9.47
N THR A 165 3.95 -0.21 -9.90
CA THR A 165 4.18 -1.29 -8.96
C THR A 165 5.33 -0.91 -8.01
N GLU A 166 5.47 -1.70 -6.96
CA GLU A 166 6.67 -1.56 -6.15
C GLU A 166 7.87 -2.14 -6.89
N GLN A 167 9.06 -1.76 -6.44
CA GLN A 167 10.30 -2.25 -7.03
C GLN A 167 10.36 -3.77 -6.98
N ASP A 168 10.57 -4.37 -8.14
CA ASP A 168 10.52 -5.82 -8.29
C ASP A 168 11.68 -6.47 -7.56
N SER A 169 11.40 -7.57 -6.84
CA SER A 169 12.40 -8.12 -5.93
C SER A 169 13.52 -8.85 -6.66
N LYS A 170 13.34 -9.20 -7.93
CA LYS A 170 14.38 -9.92 -8.64
C LYS A 170 15.30 -8.98 -9.44
N ASP A 171 14.74 -8.02 -10.21
CA ASP A 171 15.57 -7.13 -11.03
C ASP A 171 15.47 -5.66 -10.64
N SER A 172 14.79 -5.34 -9.54
CA SER A 172 14.78 -3.99 -8.98
C SER A 172 14.12 -2.94 -9.89
N THR A 173 13.27 -3.34 -10.84
CA THR A 173 12.64 -2.38 -11.74
C THR A 173 11.23 -2.06 -11.29
N TYR A 174 10.65 -1.09 -11.97
CA TYR A 174 9.24 -0.73 -11.81
C TYR A 174 8.50 -1.09 -13.09
N SER A 175 7.18 -1.27 -12.96
CA SER A 175 6.28 -1.27 -14.10
C SER A 175 5.18 -0.24 -13.86
N LEU A 176 4.54 0.20 -14.95
CA LEU A 176 3.57 1.29 -14.92
C LEU A 176 2.37 0.95 -15.79
N SER A 177 1.18 1.30 -15.31
CA SER A 177 -0.05 1.14 -16.05
C SER A 177 -0.75 2.49 -16.14
N SER A 178 -1.07 2.90 -17.36
CA SER A 178 -1.80 4.14 -17.62
C SER A 178 -3.10 3.81 -18.32
N THR A 179 -4.20 4.40 -17.84
CA THR A 179 -5.50 4.18 -18.44
C THR A 179 -6.09 5.49 -18.95
N LEU A 180 -6.28 5.56 -20.25
CA LEU A 180 -6.97 6.69 -20.88
C LEU A 180 -8.46 6.37 -20.90
N THR A 181 -9.28 7.31 -20.44
CA THR A 181 -10.73 7.13 -20.39
C THR A 181 -11.43 8.09 -21.34
N LEU A 182 -12.34 7.57 -22.14
CA LEU A 182 -13.17 8.38 -23.03
C LEU A 182 -14.49 7.65 -23.24
N SER A 183 -15.51 8.41 -23.67
CA SER A 183 -16.83 7.85 -23.91
C SER A 183 -16.77 6.84 -25.06
N LYS A 184 -17.70 5.89 -25.06
CA LYS A 184 -17.78 4.97 -26.19
C LYS A 184 -18.02 5.73 -27.48
N ALA A 185 -18.87 6.76 -27.43
CA ALA A 185 -19.17 7.59 -28.59
C ALA A 185 -17.91 8.14 -29.22
N ASP A 186 -17.10 8.82 -28.41
CA ASP A 186 -15.89 9.47 -28.93
C ASP A 186 -14.85 8.45 -29.36
N TYR A 187 -14.79 7.30 -28.67
CA TYR A 187 -13.84 6.26 -29.06
C TYR A 187 -14.12 5.80 -30.48
N GLU A 188 -15.38 5.58 -30.80
CA GLU A 188 -15.74 5.07 -32.11
C GLU A 188 -15.68 6.13 -33.20
N LYS A 189 -15.46 7.40 -32.83
CA LYS A 189 -15.27 8.47 -33.81
C LYS A 189 -13.82 8.62 -34.26
N HIS A 190 -12.87 8.08 -33.53
CA HIS A 190 -11.46 8.31 -33.83
C HIS A 190 -10.78 7.00 -34.22
N LYS A 191 -9.67 7.13 -34.97
CA LYS A 191 -8.96 5.97 -35.52
C LYS A 191 -7.68 5.64 -34.76
N VAL A 192 -6.73 6.56 -34.71
CA VAL A 192 -5.41 6.26 -34.17
C VAL A 192 -5.38 6.54 -32.68
N TYR A 193 -4.98 5.55 -31.89
CA TYR A 193 -4.77 5.69 -30.46
C TYR A 193 -3.32 5.37 -30.16
N ALA A 194 -2.61 6.28 -29.51
CA ALA A 194 -1.17 6.17 -29.33
C ALA A 194 -0.75 6.46 -27.90
N CYS A 195 0.29 5.76 -27.49
CA CYS A 195 0.88 5.87 -26.17
C CYS A 195 2.33 6.25 -26.38
N GLU A 196 2.73 7.42 -25.89
CA GLU A 196 4.06 7.93 -26.18
C GLU A 196 4.85 7.99 -24.87
N VAL A 197 5.94 7.22 -24.81
CA VAL A 197 6.67 7.04 -23.55
C VAL A 197 8.01 7.74 -23.67
N THR A 198 8.32 8.56 -22.68
CA THR A 198 9.61 9.20 -22.54
C THR A 198 10.30 8.65 -21.30
N HIS A 199 11.56 8.24 -21.44
CA HIS A 199 12.28 7.61 -20.34
C HIS A 199 13.76 7.71 -20.62
N GLN A 200 14.54 7.79 -19.55
CA GLN A 200 15.95 8.08 -19.76
C GLN A 200 16.69 6.90 -20.40
N GLY A 201 16.12 5.69 -20.32
CA GLY A 201 16.66 4.56 -21.06
C GLY A 201 16.36 4.58 -22.56
N LEU A 202 15.53 5.51 -23.01
CA LEU A 202 15.21 5.61 -24.42
C LEU A 202 15.96 6.78 -25.02
N SER A 203 16.64 6.55 -26.17
CA SER A 203 17.32 7.66 -26.85
C SER A 203 16.32 8.72 -27.31
N SER A 204 15.10 8.34 -27.62
CA SER A 204 14.06 9.29 -27.94
C SER A 204 12.71 8.65 -27.68
N PRO A 205 11.64 9.44 -27.52
CA PRO A 205 10.37 8.87 -27.07
C PRO A 205 9.89 7.77 -28.00
N VAL A 206 9.32 6.74 -27.41
CA VAL A 206 8.78 5.59 -28.13
C VAL A 206 7.27 5.70 -28.15
N THR A 207 6.66 5.31 -29.27
CA THR A 207 5.23 5.40 -29.47
C THR A 207 4.67 4.05 -29.92
N LYS A 208 3.73 3.49 -29.15
CA LYS A 208 2.95 2.34 -29.59
C LYS A 208 1.53 2.80 -29.90
N SER A 209 0.94 2.26 -30.97
CA SER A 209 -0.40 2.69 -31.35
C SER A 209 -1.19 1.54 -31.97
N PHE A 210 -2.48 1.76 -32.16
CA PHE A 210 -3.30 0.84 -32.93
C PHE A 210 -4.38 1.66 -33.62
N ASN A 211 -4.92 1.10 -34.70
CA ASN A 211 -6.00 1.75 -35.44
C ASN A 211 -7.33 1.06 -35.11
N ARG A 212 -8.30 1.84 -34.64
CA ARG A 212 -9.63 1.29 -34.42
C ARG A 212 -10.36 1.12 -35.75
N GLU B 1 3.85 -19.01 19.38
CA GLU B 1 3.72 -18.09 18.27
C GLU B 1 2.74 -16.96 18.60
N VAL B 2 3.27 -15.74 18.65
CA VAL B 2 2.46 -14.57 18.92
C VAL B 2 1.60 -14.24 17.72
N GLN B 3 0.30 -14.08 17.93
CA GLN B 3 -0.59 -13.74 16.84
C GLN B 3 -1.56 -12.69 17.32
N LEU B 4 -1.75 -11.67 16.50
CA LEU B 4 -2.84 -10.72 16.68
C LEU B 4 -3.66 -10.77 15.41
N LEU B 5 -4.99 -10.73 15.56
CA LEU B 5 -5.88 -10.93 14.42
C LEU B 5 -7.07 -10.00 14.57
N GLU B 6 -7.11 -8.93 13.78
CA GLU B 6 -8.22 -8.00 13.83
C GLU B 6 -9.41 -8.58 13.07
N SER B 7 -10.59 -8.08 13.42
CA SER B 7 -11.84 -8.38 12.71
C SER B 7 -12.72 -7.15 12.75
N GLY B 8 -13.65 -7.07 11.80
CA GLY B 8 -14.76 -6.14 11.88
C GLY B 8 -14.70 -4.96 10.93
N GLY B 9 -13.73 -4.88 10.04
CA GLY B 9 -13.67 -3.74 9.14
C GLY B 9 -14.62 -3.88 7.95
N GLY B 10 -14.82 -2.76 7.26
CA GLY B 10 -15.62 -2.77 6.06
C GLY B 10 -16.14 -1.37 5.77
N LEU B 11 -17.02 -1.29 4.79
CA LEU B 11 -17.64 -0.02 4.45
C LEU B 11 -18.62 0.38 5.54
N VAL B 12 -18.58 1.67 5.91
CA VAL B 12 -19.54 2.25 6.84
C VAL B 12 -20.05 3.56 6.29
N GLN B 13 -21.35 3.81 6.48
CA GLN B 13 -21.91 5.11 6.14
C GLN B 13 -21.36 6.21 7.03
N THR B 14 -21.20 7.39 6.44
CA THR B 14 -20.73 8.55 7.18
C THR B 14 -21.61 8.81 8.39
N GLY B 15 -20.99 9.03 9.55
CA GLY B 15 -21.72 9.16 10.79
C GLY B 15 -22.22 7.87 11.40
N GLY B 16 -21.90 6.72 10.79
CA GLY B 16 -22.33 5.44 11.32
C GLY B 16 -21.37 4.89 12.35
N SER B 17 -21.58 3.61 12.67
CA SER B 17 -20.86 2.95 13.74
C SER B 17 -20.23 1.66 13.23
N LEU B 18 -19.16 1.28 13.91
CA LEU B 18 -18.49 0.02 13.65
C LEU B 18 -17.69 -0.35 14.90
N ARG B 19 -17.64 -1.64 15.22
CA ARG B 19 -16.78 -2.12 16.29
C ARG B 19 -15.70 -3.05 15.71
N LEU B 20 -14.47 -2.83 16.11
CA LEU B 20 -13.40 -3.74 15.74
C LEU B 20 -13.01 -4.60 16.94
N SER B 21 -12.61 -5.83 16.65
CA SER B 21 -12.03 -6.70 17.65
C SER B 21 -10.68 -7.18 17.16
N CYS B 22 -9.84 -7.54 18.11
CA CYS B 22 -8.52 -8.09 17.86
C CYS B 22 -8.33 -9.27 18.79
N ALA B 23 -8.24 -10.47 18.23
CA ALA B 23 -8.00 -11.68 19.01
C ALA B 23 -6.51 -11.89 19.17
N ALA B 24 -6.10 -12.27 20.37
CA ALA B 24 -4.67 -12.40 20.68
C ALA B 24 -4.39 -13.80 21.20
N SER B 25 -3.17 -14.27 20.93
CA SER B 25 -2.68 -15.54 21.43
C SER B 25 -1.17 -15.54 21.34
N GLY B 26 -0.53 -16.46 22.07
CA GLY B 26 0.91 -16.60 22.06
C GLY B 26 1.66 -15.77 23.08
N PHE B 27 0.97 -15.01 23.91
CA PHE B 27 1.62 -14.30 25.01
C PHE B 27 0.56 -14.13 26.08
N THR B 28 0.96 -13.74 27.29
CA THR B 28 -0.04 -13.62 28.35
C THR B 28 -0.64 -12.23 28.24
N PHE B 29 -1.82 -12.19 27.62
CA PHE B 29 -2.54 -10.97 27.28
C PHE B 29 -2.69 -10.03 28.49
N SER B 30 -2.99 -10.58 29.66
CA SER B 30 -3.32 -9.73 30.81
C SER B 30 -2.10 -9.05 31.41
N SER B 31 -0.92 -9.24 30.86
CA SER B 31 0.27 -8.53 31.33
C SER B 31 0.62 -7.30 30.51
N TYR B 32 -0.09 -7.01 29.42
CA TYR B 32 0.29 -5.93 28.52
C TYR B 32 -0.84 -4.94 28.26
N ALA B 33 -0.47 -3.67 28.18
CA ALA B 33 -1.33 -2.71 27.51
C ALA B 33 -1.47 -3.08 26.03
N MET B 34 -2.62 -2.77 25.46
CA MET B 34 -2.90 -3.08 24.06
C MET B 34 -3.31 -1.81 23.35
N THR B 35 -3.09 -1.78 22.04
CA THR B 35 -3.08 -0.52 21.31
C THR B 35 -3.72 -0.65 19.93
N TRP B 36 -4.33 0.44 19.49
CA TRP B 36 -4.86 0.57 18.13
C TRP B 36 -4.10 1.69 17.45
N VAL B 37 -3.43 1.36 16.32
CA VAL B 37 -2.79 2.30 15.41
C VAL B 37 -3.56 2.26 14.09
N ARG B 38 -3.59 3.37 13.35
CA ARG B 38 -4.27 3.36 12.05
C ARG B 38 -3.41 4.02 10.99
N GLN B 39 -3.72 3.68 9.74
CA GLN B 39 -2.97 4.12 8.58
C GLN B 39 -3.93 4.38 7.42
N ALA B 40 -4.12 5.63 7.06
CA ALA B 40 -4.90 5.95 5.87
C ALA B 40 -4.15 5.49 4.62
N PRO B 41 -4.87 5.18 3.54
CA PRO B 41 -4.22 4.63 2.34
C PRO B 41 -3.19 5.59 1.77
N GLY B 42 -1.98 5.09 1.61
CA GLY B 42 -0.87 5.90 1.12
C GLY B 42 -0.28 6.89 2.10
N LYS B 43 -0.70 6.87 3.36
CA LYS B 43 -0.30 7.87 4.36
C LYS B 43 0.48 7.20 5.50
N GLY B 44 0.90 8.00 6.48
CA GLY B 44 1.70 7.53 7.59
C GLY B 44 0.89 6.85 8.68
N LEU B 45 1.58 6.52 9.78
CA LEU B 45 0.96 5.86 10.92
C LEU B 45 0.43 6.87 11.92
N GLU B 46 -0.74 6.58 12.49
CA GLU B 46 -1.31 7.41 13.55
C GLU B 46 -1.67 6.56 14.75
N TRP B 47 -1.19 6.94 15.93
CA TRP B 47 -1.65 6.34 17.18
C TRP B 47 -3.11 6.70 17.44
N VAL B 48 -3.95 5.70 17.73
CA VAL B 48 -5.37 5.93 17.97
C VAL B 48 -5.75 5.83 19.44
N SER B 49 -5.36 4.73 20.10
CA SER B 49 -5.90 4.49 21.42
C SER B 49 -5.08 3.41 22.12
N ALA B 50 -5.15 3.41 23.45
CA ALA B 50 -4.39 2.48 24.26
C ALA B 50 -5.16 2.20 25.53
N ILE B 51 -5.02 0.97 26.02
CA ILE B 51 -5.73 0.52 27.23
C ILE B 51 -4.77 -0.29 28.11
N ARG B 52 -4.86 -0.04 29.42
CA ARG B 52 -4.03 -0.73 30.42
C ARG B 52 -4.35 -2.22 30.48
N SER B 53 -3.32 -2.99 30.88
CA SER B 53 -3.41 -4.44 31.05
C SER B 53 -4.73 -4.91 31.67
N GLN B 54 -5.15 -4.29 32.78
CA GLN B 54 -6.37 -4.71 33.48
C GLN B 54 -7.63 -3.99 33.00
N GLY B 55 -7.60 -3.29 31.86
CA GLY B 55 -8.77 -2.56 31.42
C GLY B 55 -9.00 -1.33 32.24
N ASP B 56 -7.95 -0.90 32.93
CA ASP B 56 -7.95 -0.05 34.11
C ASP B 56 -7.84 1.42 33.77
N ARG B 57 -7.24 1.74 32.62
CA ARG B 57 -7.01 3.10 32.17
C ARG B 57 -7.05 3.08 30.65
N THR B 58 -7.70 4.07 30.05
CA THR B 58 -7.76 4.19 28.60
C THR B 58 -7.26 5.56 28.18
N ASP B 59 -6.75 5.65 26.96
CA ASP B 59 -6.25 6.92 26.42
C ASP B 59 -6.58 6.96 24.93
N TYR B 60 -6.67 8.17 24.38
CA TYR B 60 -7.13 8.35 23.02
C TYR B 60 -6.40 9.52 22.34
N ALA B 61 -6.33 9.45 21.02
CA ALA B 61 -5.96 10.60 20.24
C ALA B 61 -7.10 11.62 20.25
N ASP B 62 -6.73 12.91 20.20
CA ASP B 62 -7.75 13.96 20.30
C ASP B 62 -8.80 13.84 19.21
N SER B 63 -8.41 13.42 18.00
CA SER B 63 -9.36 13.36 16.88
C SER B 63 -10.49 12.37 17.12
N VAL B 64 -10.32 11.40 18.03
CA VAL B 64 -11.31 10.36 18.25
C VAL B 64 -11.97 10.45 19.61
N LYS B 65 -11.52 11.35 20.48
CA LYS B 65 -12.10 11.46 21.82
C LYS B 65 -13.58 11.78 21.75
N GLY B 66 -14.39 11.05 22.52
CA GLY B 66 -15.82 11.22 22.51
C GLY B 66 -16.54 10.46 21.43
N ARG B 67 -15.83 9.86 20.48
CA ARG B 67 -16.45 9.03 19.46
C ARG B 67 -15.99 7.58 19.51
N PHE B 68 -14.75 7.33 19.94
CA PHE B 68 -14.19 5.98 20.00
C PHE B 68 -14.05 5.52 21.44
N THR B 69 -14.40 4.27 21.71
CA THR B 69 -14.16 3.65 23.01
C THR B 69 -13.32 2.40 22.79
N ILE B 70 -12.20 2.32 23.51
CA ILE B 70 -11.38 1.12 23.53
C ILE B 70 -11.79 0.30 24.74
N SER B 71 -11.77 -1.02 24.61
CA SER B 71 -12.07 -1.89 25.73
C SER B 71 -11.37 -3.22 25.51
N ARG B 72 -11.36 -4.05 26.54
CA ARG B 72 -10.73 -5.35 26.43
C ARG B 72 -11.43 -6.33 27.34
N ASP B 73 -11.46 -7.60 26.92
CA ASP B 73 -11.99 -8.71 27.71
C ASP B 73 -10.83 -9.69 27.96
N ASN B 74 -10.26 -9.65 29.17
CA ASN B 74 -9.13 -10.51 29.50
C ASN B 74 -9.54 -11.96 29.77
N SER B 75 -10.84 -12.24 29.87
CA SER B 75 -11.29 -13.62 29.86
C SER B 75 -11.30 -14.19 28.45
N GLN B 76 -11.37 -13.33 27.45
CA GLN B 76 -11.52 -13.73 26.05
C GLN B 76 -10.28 -13.41 25.22
N ASN B 77 -9.25 -12.82 25.80
CA ASN B 77 -8.05 -12.40 25.09
C ASN B 77 -8.38 -11.54 23.88
N THR B 78 -9.33 -10.62 24.05
CA THR B 78 -9.81 -9.79 22.95
C THR B 78 -9.73 -8.31 23.30
N LEU B 79 -9.27 -7.53 22.33
CA LEU B 79 -9.25 -6.08 22.38
C LEU B 79 -10.36 -5.57 21.46
N TYR B 80 -11.04 -4.50 21.87
CA TYR B 80 -12.12 -3.90 21.08
C TYR B 80 -11.83 -2.45 20.79
N LEU B 81 -12.39 -1.97 19.68
CA LEU B 81 -12.49 -0.54 19.38
C LEU B 81 -13.88 -0.27 18.84
N GLN B 82 -14.69 0.41 19.64
CA GLN B 82 -16.02 0.88 19.26
C GLN B 82 -15.90 2.26 18.61
N MET B 83 -16.46 2.41 17.42
CA MET B 83 -16.28 3.62 16.61
C MET B 83 -17.64 4.23 16.28
N ASN B 84 -17.92 5.41 16.82
CA ASN B 84 -19.15 6.11 16.52
C ASN B 84 -18.88 7.41 15.79
N SER B 85 -19.94 7.99 15.21
CA SER B 85 -19.88 9.23 14.44
C SER B 85 -18.71 9.23 13.46
N LEU B 86 -18.63 8.18 12.66
CA LEU B 86 -17.49 8.01 11.77
C LEU B 86 -17.52 9.02 10.65
N ARG B 87 -16.35 9.54 10.31
CA ARG B 87 -16.16 10.47 9.21
C ARG B 87 -15.09 9.97 8.23
N ALA B 88 -15.06 10.61 7.05
CA ALA B 88 -14.15 10.17 5.99
C ALA B 88 -12.70 10.18 6.45
N GLU B 89 -12.31 11.13 7.31
CA GLU B 89 -10.96 11.17 7.87
C GLU B 89 -10.61 9.91 8.66
N ASP B 90 -11.62 9.12 9.06
CA ASP B 90 -11.37 7.91 9.83
C ASP B 90 -11.07 6.71 8.94
N THR B 91 -11.22 6.87 7.63
CA THR B 91 -10.91 5.79 6.70
C THR B 91 -9.44 5.41 6.83
N ALA B 92 -9.18 4.15 7.15
CA ALA B 92 -7.81 3.67 7.35
C ALA B 92 -7.80 2.16 7.57
N VAL B 93 -6.62 1.59 7.37
CA VAL B 93 -6.29 0.27 7.91
C VAL B 93 -6.07 0.43 9.41
N TYR B 94 -6.78 -0.36 10.21
CA TYR B 94 -6.69 -0.28 11.66
C TYR B 94 -5.87 -1.47 12.15
N TYR B 95 -4.73 -1.19 12.81
CA TYR B 95 -3.85 -2.23 13.35
C TYR B 95 -3.98 -2.34 14.86
N CYS B 96 -4.02 -3.60 15.32
CA CYS B 96 -3.89 -3.96 16.71
C CYS B 96 -2.40 -4.13 17.03
N ALA B 97 -1.98 -3.68 18.21
CA ALA B 97 -0.57 -3.82 18.58
C ALA B 97 -0.42 -4.03 20.07
N LYS B 98 0.67 -4.68 20.43
CA LYS B 98 1.00 -5.06 21.80
C LYS B 98 1.94 -4.03 22.41
N ASN B 99 1.71 -3.72 23.70
CA ASN B 99 2.45 -2.80 24.57
C ASN B 99 1.85 -1.41 24.62
N TRP B 100 2.20 -0.65 25.65
CA TRP B 100 1.88 0.77 25.64
C TRP B 100 2.72 1.49 24.56
N ALA B 101 4.00 1.16 24.48
CA ALA B 101 4.95 1.66 23.49
C ALA B 101 6.35 1.10 23.79
N PRO B 102 7.17 0.83 22.76
CA PRO B 102 6.86 0.79 21.32
C PRO B 102 6.20 -0.56 21.01
N PHE B 103 5.93 -0.89 19.75
CA PHE B 103 5.00 -1.97 19.43
C PHE B 103 5.73 -3.12 18.72
N ASP B 104 6.03 -4.19 19.48
CA ASP B 104 6.80 -5.30 18.95
C ASP B 104 5.95 -6.23 18.09
N SER B 105 4.69 -6.45 18.48
CA SER B 105 3.79 -7.34 17.77
C SER B 105 2.60 -6.54 17.23
N TRP B 106 2.35 -6.69 15.93
CA TRP B 106 1.26 -6.05 15.24
C TRP B 106 0.36 -7.10 14.63
N GLY B 107 -0.92 -6.76 14.49
CA GLY B 107 -1.82 -7.54 13.67
C GLY B 107 -1.65 -7.23 12.19
N GLN B 108 -2.47 -7.89 11.37
CA GLN B 108 -2.40 -7.73 9.93
C GLN B 108 -3.13 -6.49 9.42
N GLY B 109 -3.91 -5.83 10.26
CA GLY B 109 -4.70 -4.68 9.85
C GLY B 109 -6.06 -5.09 9.35
N THR B 110 -7.03 -4.22 9.58
CA THR B 110 -8.36 -4.35 8.96
C THR B 110 -8.76 -3.01 8.37
N LEU B 111 -9.26 -3.03 7.13
CA LEU B 111 -9.59 -1.81 6.41
C LEU B 111 -11.00 -1.32 6.74
N VAL B 112 -11.09 -0.08 7.18
CA VAL B 112 -12.34 0.58 7.49
C VAL B 112 -12.48 1.72 6.51
N THR B 113 -13.51 1.66 5.67
CA THR B 113 -13.83 2.72 4.71
C THR B 113 -15.10 3.41 5.17
N VAL B 114 -15.04 4.73 5.29
CA VAL B 114 -16.16 5.54 5.76
C VAL B 114 -16.62 6.38 4.58
N SER B 115 -17.73 5.98 3.96
CA SER B 115 -18.27 6.70 2.82
C SER B 115 -19.78 6.50 2.71
N SER B 116 -20.42 7.42 2.00
CA SER B 116 -21.83 7.31 1.67
C SER B 116 -22.07 6.39 0.46
N ALA B 117 -21.05 6.13 -0.37
CA ALA B 117 -21.26 5.36 -1.60
C ALA B 117 -21.69 3.93 -1.31
N SER B 118 -22.46 3.37 -2.24
CA SER B 118 -22.89 2.00 -2.13
C SER B 118 -21.77 1.07 -2.58
N THR B 119 -21.89 -0.19 -2.17
CA THR B 119 -21.00 -1.23 -2.65
C THR B 119 -21.33 -1.58 -4.10
N LYS B 120 -20.29 -1.66 -4.93
CA LYS B 120 -20.41 -2.03 -6.34
C LYS B 120 -19.34 -3.06 -6.68
N GLY B 121 -19.76 -4.21 -7.18
CA GLY B 121 -18.82 -5.19 -7.66
C GLY B 121 -18.23 -4.76 -9.00
N PRO B 122 -17.00 -5.17 -9.29
CA PRO B 122 -16.34 -4.73 -10.51
C PRO B 122 -16.86 -5.49 -11.72
N SER B 123 -16.63 -4.89 -12.89
CA SER B 123 -16.63 -5.61 -14.16
C SER B 123 -15.20 -5.99 -14.50
N VAL B 124 -15.00 -7.18 -15.05
CA VAL B 124 -13.66 -7.65 -15.41
C VAL B 124 -13.62 -7.79 -16.91
N PHE B 125 -12.76 -7.03 -17.53
CA PHE B 125 -12.56 -6.96 -18.96
C PHE B 125 -11.19 -7.51 -19.33
N PRO B 126 -11.13 -8.35 -20.34
CA PRO B 126 -9.85 -8.87 -20.79
C PRO B 126 -9.04 -7.83 -21.55
N LEU B 127 -7.72 -7.83 -21.30
CA LEU B 127 -6.75 -7.09 -22.11
C LEU B 127 -6.03 -8.11 -23.00
N ALA B 128 -6.41 -8.17 -24.28
CA ALA B 128 -5.96 -9.24 -25.15
C ALA B 128 -4.58 -8.94 -25.74
N PRO B 129 -3.78 -9.98 -25.98
CA PRO B 129 -2.52 -9.82 -26.71
C PRO B 129 -2.70 -9.88 -28.22
N SER B 130 -1.84 -9.16 -28.92
CA SER B 130 -1.91 -9.10 -30.39
C SER B 130 -1.23 -10.32 -31.03
N GLY B 136 12.32 -8.00 -29.43
CA GLY B 136 12.26 -8.66 -28.13
C GLY B 136 11.50 -9.98 -28.15
N GLY B 137 10.35 -9.99 -28.80
CA GLY B 137 9.54 -11.19 -28.88
C GLY B 137 8.62 -11.41 -27.69
N THR B 138 8.26 -10.35 -26.98
CA THR B 138 7.42 -10.48 -25.79
C THR B 138 5.99 -10.07 -26.10
N ALA B 139 5.02 -10.86 -25.64
CA ALA B 139 3.63 -10.49 -25.63
C ALA B 139 3.22 -10.02 -24.24
N ALA B 140 2.09 -9.32 -24.17
CA ALA B 140 1.54 -8.92 -22.89
C ALA B 140 0.03 -9.02 -22.93
N LEU B 141 -0.55 -9.55 -21.86
CA LEU B 141 -1.99 -9.72 -21.70
C LEU B 141 -2.36 -9.32 -20.28
N GLY B 142 -3.65 -9.16 -20.02
CA GLY B 142 -4.04 -8.78 -18.67
C GLY B 142 -5.55 -8.75 -18.49
N CYS B 143 -5.96 -8.18 -17.35
CA CYS B 143 -7.36 -7.97 -17.01
C CYS B 143 -7.52 -6.58 -16.41
N LEU B 144 -8.59 -5.91 -16.82
CA LEU B 144 -8.98 -4.62 -16.27
C LEU B 144 -10.16 -4.86 -15.32
N VAL B 145 -9.95 -4.61 -14.04
CA VAL B 145 -10.95 -4.78 -13.01
C VAL B 145 -11.53 -3.40 -12.74
N LYS B 146 -12.72 -3.12 -13.25
CA LYS B 146 -13.17 -1.75 -13.36
C LYS B 146 -14.44 -1.45 -12.56
N ASP B 147 -14.46 -0.29 -11.91
CA ASP B 147 -15.64 0.32 -11.31
C ASP B 147 -16.15 -0.47 -10.11
N TYR B 148 -15.31 -0.59 -9.09
CA TYR B 148 -15.67 -1.32 -7.89
C TYR B 148 -15.49 -0.40 -6.70
N PHE B 149 -16.11 -0.79 -5.57
CA PHE B 149 -16.12 -0.02 -4.35
C PHE B 149 -16.77 -0.83 -3.24
N PRO B 150 -16.18 -0.89 -2.04
CA PRO B 150 -14.90 -0.28 -1.67
C PRO B 150 -13.68 -1.13 -2.07
N GLU B 151 -12.46 -0.71 -1.70
CA GLU B 151 -11.30 -1.57 -1.78
C GLU B 151 -11.46 -2.70 -0.76
N PRO B 152 -10.75 -3.83 -0.93
CA PRO B 152 -9.81 -4.23 -1.98
C PRO B 152 -10.37 -5.30 -2.92
N VAL B 153 -9.65 -5.55 -4.02
CA VAL B 153 -9.90 -6.70 -4.87
C VAL B 153 -8.66 -7.58 -4.85
N THR B 154 -8.85 -8.83 -5.25
CA THR B 154 -7.78 -9.82 -5.32
C THR B 154 -7.64 -10.34 -6.74
N VAL B 155 -6.42 -10.34 -7.28
CA VAL B 155 -6.14 -10.91 -8.59
C VAL B 155 -5.00 -11.89 -8.49
N SER B 156 -5.25 -13.11 -8.96
CA SER B 156 -4.22 -14.08 -9.26
C SER B 156 -4.39 -14.52 -10.71
N TRP B 157 -3.41 -15.26 -11.22
CA TRP B 157 -3.45 -15.79 -12.56
C TRP B 157 -3.31 -17.30 -12.50
N ASN B 158 -4.25 -18.01 -13.13
CA ASN B 158 -4.24 -19.47 -13.18
C ASN B 158 -4.27 -20.07 -11.77
N SER B 159 -5.15 -19.52 -10.94
CA SER B 159 -5.34 -19.96 -9.56
C SER B 159 -4.02 -19.97 -8.79
N GLY B 160 -3.16 -18.98 -9.08
CA GLY B 160 -1.92 -18.79 -8.37
C GLY B 160 -0.73 -19.50 -8.97
N ALA B 161 -0.93 -20.34 -9.98
CA ALA B 161 0.19 -21.08 -10.58
C ALA B 161 1.16 -20.15 -11.28
N LEU B 162 0.63 -19.20 -12.06
CA LEU B 162 1.44 -18.25 -12.80
C LEU B 162 1.69 -17.03 -11.92
N THR B 163 2.96 -16.74 -11.64
CA THR B 163 3.31 -15.59 -10.80
C THR B 163 4.38 -14.73 -11.45
N SER B 164 5.25 -15.33 -12.26
CA SER B 164 6.38 -14.60 -12.80
C SER B 164 5.98 -13.90 -14.09
N GLY B 165 6.51 -12.69 -14.28
CA GLY B 165 6.02 -11.81 -15.32
C GLY B 165 4.69 -11.15 -15.01
N VAL B 166 4.12 -11.41 -13.84
CA VAL B 166 2.85 -10.82 -13.43
C VAL B 166 3.09 -9.45 -12.82
N HIS B 167 2.24 -8.49 -13.15
CA HIS B 167 2.26 -7.18 -12.51
C HIS B 167 0.82 -6.80 -12.17
N THR B 168 0.50 -6.74 -10.87
CA THR B 168 -0.80 -6.26 -10.44
C THR B 168 -0.67 -4.86 -9.87
N PHE B 169 -1.38 -3.93 -10.44
CA PHE B 169 -1.17 -2.54 -10.14
C PHE B 169 -2.08 -2.07 -9.03
N PRO B 170 -1.58 -1.12 -8.24
CA PRO B 170 -2.46 -0.41 -7.30
C PRO B 170 -3.65 0.16 -8.03
N ALA B 171 -4.82 -0.01 -7.43
CA ALA B 171 -6.02 0.58 -8.00
C ALA B 171 -5.88 2.10 -8.06
N VAL B 172 -6.61 2.67 -8.98
CA VAL B 172 -6.76 4.11 -9.07
C VAL B 172 -8.20 4.47 -8.69
N LEU B 173 -8.34 5.64 -8.06
CA LEU B 173 -9.66 6.18 -7.74
C LEU B 173 -10.13 7.04 -8.93
N GLN B 174 -11.16 6.58 -9.63
CA GLN B 174 -11.67 7.38 -10.73
C GLN B 174 -12.49 8.55 -10.21
N SER B 175 -12.63 9.58 -11.04
CA SER B 175 -13.39 10.76 -10.63
C SER B 175 -14.85 10.43 -10.35
N SER B 176 -15.33 9.29 -10.84
CA SER B 176 -16.67 8.79 -10.53
C SER B 176 -16.82 8.35 -9.07
N GLY B 177 -15.74 8.30 -8.29
CA GLY B 177 -15.78 7.71 -6.98
C GLY B 177 -15.47 6.22 -6.92
N LEU B 178 -15.37 5.54 -8.06
CA LEU B 178 -15.14 4.10 -8.12
C LEU B 178 -13.68 3.78 -8.48
N TYR B 179 -13.20 2.64 -7.99
CA TYR B 179 -11.84 2.15 -8.22
C TYR B 179 -11.76 1.33 -9.50
N SER B 180 -10.55 1.30 -10.08
CA SER B 180 -10.22 0.51 -11.26
C SER B 180 -8.78 0.03 -11.11
N LEU B 181 -8.52 -1.24 -11.42
CA LEU B 181 -7.12 -1.68 -11.47
C LEU B 181 -6.93 -2.65 -12.62
N SER B 182 -5.69 -2.77 -13.03
CA SER B 182 -5.28 -3.71 -14.04
C SER B 182 -4.24 -4.64 -13.44
N SER B 183 -4.22 -5.86 -13.96
CA SER B 183 -3.20 -6.84 -13.66
C SER B 183 -2.77 -7.39 -15.00
N VAL B 184 -1.46 -7.44 -15.25
CA VAL B 184 -0.98 -7.91 -16.54
C VAL B 184 0.05 -9.02 -16.37
N VAL B 185 0.32 -9.72 -17.46
CA VAL B 185 1.40 -10.68 -17.56
C VAL B 185 2.07 -10.45 -18.91
N THR B 186 3.41 -10.35 -18.92
CA THR B 186 4.16 -10.53 -20.16
C THR B 186 4.64 -11.97 -20.26
N VAL B 187 4.50 -12.52 -21.46
CA VAL B 187 4.92 -13.88 -21.81
C VAL B 187 5.55 -13.84 -23.19
N PRO B 188 6.38 -14.83 -23.51
CA PRO B 188 6.90 -14.91 -24.89
C PRO B 188 5.75 -15.03 -25.86
N SER B 189 5.86 -14.30 -26.98
CA SER B 189 4.84 -14.32 -28.04
C SER B 189 4.43 -15.74 -28.41
N SER B 190 5.40 -16.64 -28.57
CA SER B 190 5.14 -17.98 -29.08
C SER B 190 4.47 -18.87 -28.05
N SER B 191 4.39 -18.46 -26.80
CA SER B 191 3.61 -19.24 -25.85
C SER B 191 2.10 -19.01 -26.01
N LEU B 192 1.70 -18.06 -26.85
CA LEU B 192 0.28 -17.67 -26.89
C LEU B 192 -0.62 -18.83 -27.33
N GLY B 193 -0.13 -19.70 -28.21
CA GLY B 193 -0.95 -20.81 -28.64
C GLY B 193 -0.88 -22.04 -27.76
N THR B 194 0.10 -22.10 -26.85
CA THR B 194 0.36 -23.29 -26.06
C THR B 194 0.07 -23.09 -24.58
N GLN B 195 -0.61 -22.01 -24.22
CA GLN B 195 -0.94 -21.78 -22.83
C GLN B 195 -2.33 -21.18 -22.73
N THR B 196 -3.01 -21.52 -21.64
CA THR B 196 -4.25 -20.87 -21.28
C THR B 196 -3.97 -19.88 -20.16
N TYR B 197 -4.52 -18.68 -20.28
CA TYR B 197 -4.34 -17.62 -19.30
C TYR B 197 -5.70 -17.17 -18.77
N ILE B 198 -5.87 -17.28 -17.46
CA ILE B 198 -7.10 -16.91 -16.76
C ILE B 198 -6.74 -16.06 -15.54
N CYS B 199 -7.41 -14.93 -15.38
CA CYS B 199 -7.24 -14.10 -14.19
C CYS B 199 -8.39 -14.39 -13.24
N ASN B 200 -8.05 -14.58 -11.96
CA ASN B 200 -9.03 -14.85 -10.90
C ASN B 200 -9.18 -13.59 -10.07
N VAL B 201 -10.34 -12.94 -10.20
CA VAL B 201 -10.66 -11.69 -9.52
C VAL B 201 -11.61 -11.96 -8.38
N ASN B 202 -11.36 -11.37 -7.21
CA ASN B 202 -12.25 -11.53 -6.08
C ASN B 202 -12.48 -10.19 -5.43
N HIS B 203 -13.75 -9.85 -5.22
CA HIS B 203 -14.13 -8.63 -4.54
C HIS B 203 -15.06 -9.03 -3.40
N LYS B 204 -14.46 -9.30 -2.24
CA LYS B 204 -15.22 -9.74 -1.08
C LYS B 204 -16.24 -8.72 -0.58
N PRO B 205 -15.98 -7.40 -0.59
CA PRO B 205 -17.02 -6.44 -0.18
C PRO B 205 -18.35 -6.65 -0.87
N SER B 206 -18.34 -7.09 -2.13
CA SER B 206 -19.56 -7.28 -2.89
C SER B 206 -19.81 -8.74 -3.20
N ASN B 207 -18.97 -9.65 -2.70
CA ASN B 207 -19.12 -11.09 -2.89
C ASN B 207 -18.99 -11.49 -4.35
N THR B 208 -18.18 -10.76 -5.10
CA THR B 208 -18.00 -10.98 -6.53
C THR B 208 -16.76 -11.83 -6.77
N LYS B 209 -16.89 -12.87 -7.58
CA LYS B 209 -15.73 -13.65 -8.01
C LYS B 209 -15.85 -13.91 -9.50
N VAL B 210 -14.74 -13.68 -10.21
CA VAL B 210 -14.72 -13.81 -11.66
C VAL B 210 -13.42 -14.48 -12.08
N ASP B 211 -13.52 -15.47 -12.95
CA ASP B 211 -12.38 -16.04 -13.68
C ASP B 211 -12.60 -15.77 -15.16
N LYS B 212 -11.75 -14.94 -15.75
CA LYS B 212 -11.86 -14.59 -17.16
C LYS B 212 -10.66 -15.13 -17.88
N ARG B 213 -10.89 -15.98 -18.87
CA ARG B 213 -9.85 -16.35 -19.80
C ARG B 213 -9.64 -15.16 -20.74
N VAL B 214 -8.39 -14.79 -20.98
CA VAL B 214 -8.10 -13.77 -21.97
C VAL B 214 -7.45 -14.45 -23.17
N GLU B 215 -7.91 -14.09 -24.35
CA GLU B 215 -7.57 -14.77 -25.58
C GLU B 215 -6.78 -13.85 -26.49
N PRO B 216 -5.89 -14.40 -27.32
CA PRO B 216 -5.26 -13.60 -28.37
C PRO B 216 -6.30 -13.08 -29.35
N LYS B 217 -5.97 -11.94 -29.97
CA LYS B 217 -6.88 -11.23 -30.88
C LYS B 217 -7.34 -12.10 -32.06
N ALA C 1 12.78 -4.83 30.23
CA ALA C 1 13.75 -4.18 29.33
C ALA C 1 13.59 -2.66 29.32
N GLU C 2 14.70 -1.95 29.52
CA GLU C 2 14.67 -0.49 29.57
C GLU C 2 14.33 0.05 28.19
N GLY C 3 13.28 0.86 28.11
CA GLY C 3 12.82 1.39 26.84
C GLY C 3 11.62 0.67 26.26
N ILE C 4 11.13 -0.39 26.91
CA ILE C 4 9.86 -0.98 26.58
C ILE C 4 8.88 -0.60 27.67
N LEU C 5 7.75 -0.02 27.29
CA LEU C 5 6.67 0.27 28.22
C LEU C 5 5.60 -0.79 27.98
N GLU C 6 5.74 -1.93 28.67
CA GLU C 6 4.79 -3.01 28.45
C GLU C 6 3.38 -2.62 28.86
N ASP C 7 3.25 -1.75 29.86
CA ASP C 7 1.94 -1.45 30.43
C ASP C 7 1.85 0.04 30.75
N MET C 8 0.59 0.54 30.88
CA MET C 8 0.40 1.89 31.41
C MET C 8 0.35 1.84 32.93
N PRO C 9 0.73 2.92 33.60
CA PRO C 9 0.54 2.98 35.05
C PRO C 9 -0.90 3.32 35.41
N VAL C 10 -1.24 3.07 36.68
CA VAL C 10 -2.55 3.46 37.19
C VAL C 10 -2.60 4.96 37.41
N ASP C 11 -3.71 5.58 37.00
CA ASP C 11 -3.93 7.02 37.20
C ASP C 11 -5.41 7.28 37.45
#